data_4GAK
#
_entry.id   4GAK
#
_cell.length_a   61.657
_cell.length_b   61.657
_cell.length_c   155.945
_cell.angle_alpha   90.000
_cell.angle_beta   90.000
_cell.angle_gamma   90.000
#
_symmetry.space_group_name_H-M   'P 41 21 2'
#
loop_
_entity.id
_entity.type
_entity.pdbx_description
1 polymer 'Acyl-ACP thioesterase'
2 non-polymer GLYCEROL
3 non-polymer 'CHLORIDE ION'
4 water water
#
_entity_poly.entity_id   1
_entity_poly.type   'polypeptide(L)'
_entity_poly.pdbx_seq_one_letter_code
;SNA(MSE)AFIQTDTFTLRGYECDAFGR(MSE)SIPAL(MSE)NL(MSE)QESANRNAIDYGIGIADLAQKGVGW(MSE)
L(MSE)RFCLRIHQYPRYGDTIQL(MSE)TYPTTVDKYFIHRDFRVLATDGTLLADARSTWLVFS(MSE)EKRS(MSE)V
PLPDFIRQLSPPANVDPLPALPLKPDFQTASFATAASKSVQVGWLNIDQNQHVNNVAYVQWLLEGVDSEIVQTREIAEID
LVYRTESHWHDWLSVQSVTETDNSVLHRISQTESGKDVLLARSRWR
;
_entity_poly.pdbx_strand_id   A
#
loop_
_chem_comp.id
_chem_comp.type
_chem_comp.name
_chem_comp.formula
CL non-polymer 'CHLORIDE ION' 'Cl -1'
GOL non-polymer GLYCEROL 'C3 H8 O3'
#
# COMPACT_ATOMS: atom_id res chain seq x y z
N SER A 1 -27.02 -16.72 7.54
CA SER A 1 -27.28 -15.31 7.11
C SER A 1 -26.18 -14.62 6.29
N ASN A 2 -24.90 -14.86 6.59
CA ASN A 2 -23.76 -14.43 5.74
C ASN A 2 -22.88 -15.60 5.21
N ALA A 3 -22.28 -15.41 4.05
CA ALA A 3 -21.42 -16.44 3.46
C ALA A 3 -20.20 -16.65 4.36
N MSE A 4 -19.57 -17.80 4.25
CA MSE A 4 -18.37 -18.08 5.04
C MSE A 4 -17.09 -17.27 4.67
O MSE A 4 -16.25 -16.98 5.53
CB MSE A 4 -18.05 -19.55 4.96
CG MSE A 4 -16.93 -19.90 5.90
SE MSE A 4 -16.81 -21.84 5.96
CE MSE A 4 -18.32 -22.15 7.16
N ALA A 5 -16.92 -16.95 3.40
CA ALA A 5 -15.68 -16.27 2.93
C ALA A 5 -16.02 -15.38 1.76
N PHE A 6 -15.14 -14.43 1.45
CA PHE A 6 -15.43 -13.43 0.41
C PHE A 6 -14.21 -13.11 -0.42
N ILE A 7 -14.40 -13.22 -1.72
CA ILE A 7 -13.48 -12.66 -2.73
C ILE A 7 -14.15 -11.39 -3.27
N GLN A 8 -13.55 -10.25 -2.94
CA GLN A 8 -13.99 -8.97 -3.51
C GLN A 8 -13.52 -8.86 -4.94
N THR A 9 -14.45 -8.53 -5.81
CA THR A 9 -14.11 -8.39 -7.21
C THR A 9 -14.93 -7.22 -7.78
N ASP A 10 -14.21 -6.35 -8.44
CA ASP A 10 -14.75 -5.07 -8.90
C ASP A 10 -14.19 -4.86 -10.29
N THR A 11 -14.97 -4.25 -11.16
CA THR A 11 -14.53 -3.86 -12.49
C THR A 11 -14.49 -2.32 -12.56
N PHE A 12 -13.37 -1.77 -13.02
CA PHE A 12 -13.16 -0.32 -13.09
C PHE A 12 -12.73 0.02 -14.48
N THR A 13 -13.32 1.08 -15.04
CA THR A 13 -12.85 1.55 -16.32
C THR A 13 -11.97 2.76 -16.07
N LEU A 14 -10.72 2.68 -16.56
CA LEU A 14 -9.70 3.71 -16.25
C LEU A 14 -10.10 5.07 -16.78
N ARG A 15 -10.09 6.07 -15.93
CA ARG A 15 -10.35 7.48 -16.33
C ARG A 15 -9.03 8.13 -16.79
N GLY A 16 -9.12 9.17 -17.62
CA GLY A 16 -7.92 9.90 -18.05
C GLY A 16 -7.02 10.33 -16.91
N TYR A 17 -7.58 10.97 -15.87
CA TYR A 17 -6.74 11.48 -14.80
C TYR A 17 -6.18 10.36 -13.95
N GLU A 18 -6.57 9.10 -14.19
CA GLU A 18 -5.92 7.98 -13.47
C GLU A 18 -4.65 7.49 -14.18
N CYS A 19 -4.27 8.17 -15.25
CA CYS A 19 -3.11 7.80 -16.07
C CYS A 19 -2.10 8.93 -15.97
N ASP A 20 -0.82 8.55 -15.96
CA ASP A 20 0.27 9.48 -15.85
C ASP A 20 0.60 10.18 -17.20
N ALA A 21 1.67 10.99 -17.18
CA ALA A 21 2.12 11.74 -18.37
C ALA A 21 2.54 10.86 -19.54
N PHE A 22 2.70 9.57 -19.29
CA PHE A 22 2.99 8.60 -20.36
C PHE A 22 1.80 7.79 -20.82
N GLY A 23 0.64 8.05 -20.24
CA GLY A 23 -0.55 7.27 -20.53
C GLY A 23 -0.70 5.94 -19.79
N ARG A 24 0.20 5.67 -18.86
N ARG A 24 0.25 5.62 -18.90
CA ARG A 24 0.11 4.47 -18.04
CA ARG A 24 0.13 4.44 -18.03
C ARG A 24 -0.64 4.73 -16.74
C ARG A 24 -0.73 4.76 -16.83
N MSE A 25 -1.45 3.75 -16.33
CA MSE A 25 -2.18 3.88 -15.04
C MSE A 25 -1.21 4.33 -13.93
O MSE A 25 -0.08 3.79 -13.82
CB MSE A 25 -2.82 2.54 -14.62
CG MSE A 25 -3.76 2.78 -13.43
SE MSE A 25 -4.62 1.19 -12.94
CE MSE A 25 -5.88 2.06 -11.74
N SER A 26 -1.57 5.34 -13.13
CA SER A 26 -0.58 5.79 -12.14
C SER A 26 -0.64 4.83 -10.94
N ILE A 27 0.48 4.66 -10.27
CA ILE A 27 0.52 3.82 -9.08
C ILE A 27 -0.34 4.36 -7.92
N PRO A 28 -0.29 5.67 -7.65
CA PRO A 28 -1.23 6.14 -6.64
C PRO A 28 -2.69 5.80 -6.93
N ALA A 29 -3.15 5.95 -8.18
CA ALA A 29 -4.55 5.58 -8.53
C ALA A 29 -4.82 4.11 -8.27
N LEU A 30 -3.88 3.26 -8.69
CA LEU A 30 -4.06 1.80 -8.47
C LEU A 30 -4.17 1.47 -6.98
N MSE A 31 -3.26 2.02 -6.21
CA MSE A 31 -3.21 1.77 -4.76
C MSE A 31 -4.41 2.32 -4.06
O MSE A 31 -4.94 1.68 -3.15
CB MSE A 31 -1.97 2.36 -4.14
CG MSE A 31 -0.79 1.51 -4.40
SE MSE A 31 0.80 2.11 -3.47
CE MSE A 31 0.01 2.21 -1.81
N ASN A 32 -4.85 3.50 -4.46
CA ASN A 32 -6.10 3.98 -3.93
C ASN A 32 -7.26 3.02 -4.21
N LEU A 33 -7.37 2.55 -5.44
CA LEU A 33 -8.43 1.56 -5.79
C LEU A 33 -8.26 0.28 -4.97
N MSE A 34 -7.01 -0.18 -4.82
CA MSE A 34 -6.78 -1.39 -4.02
C MSE A 34 -7.28 -1.19 -2.59
O MSE A 34 -7.98 -2.06 -2.06
CB MSE A 34 -5.28 -1.75 -4.02
CG MSE A 34 -4.90 -2.39 -5.37
SE MSE A 34 -3.05 -2.81 -5.36
CE MSE A 34 -3.00 -3.92 -6.99
N GLN A 35 -6.96 -0.04 -1.99
CA GLN A 35 -7.43 0.25 -0.63
C GLN A 35 -8.95 0.26 -0.60
N GLU A 36 -9.59 0.84 -1.62
CA GLU A 36 -11.07 0.77 -1.66
C GLU A 36 -11.61 -0.70 -1.72
N SER A 37 -11.06 -1.50 -2.61
CA SER A 37 -11.53 -2.89 -2.74
C SER A 37 -11.27 -3.61 -1.43
N ALA A 38 -10.14 -3.36 -0.77
CA ALA A 38 -9.83 -4.05 0.51
C ALA A 38 -10.81 -3.65 1.59
N ASN A 39 -11.14 -2.37 1.64
CA ASN A 39 -12.20 -1.89 2.56
C ASN A 39 -13.59 -2.55 2.33
N ARG A 40 -14.01 -2.66 1.08
CA ARG A 40 -15.31 -3.32 0.77
C ARG A 40 -15.24 -4.79 1.20
N ASN A 41 -14.11 -5.45 0.95
CA ASN A 41 -13.96 -6.88 1.36
C ASN A 41 -14.03 -7.00 2.88
N ALA A 42 -13.40 -6.08 3.58
CA ALA A 42 -13.33 -6.17 5.04
C ALA A 42 -14.72 -6.02 5.64
N ILE A 43 -15.49 -5.11 5.07
CA ILE A 43 -16.87 -4.94 5.51
C ILE A 43 -17.68 -6.22 5.38
N ASP A 44 -17.51 -6.96 4.28
CA ASP A 44 -18.23 -8.21 4.10
C ASP A 44 -17.84 -9.17 5.20
N TYR A 45 -16.57 -9.11 5.63
CA TYR A 45 -16.10 -9.99 6.68
C TYR A 45 -16.43 -9.49 8.09
N GLY A 46 -17.02 -8.30 8.19
CA GLY A 46 -17.31 -7.71 9.50
C GLY A 46 -16.03 -7.22 10.16
N ILE A 47 -15.01 -6.89 9.36
CA ILE A 47 -13.74 -6.38 9.92
C ILE A 47 -13.39 -5.08 9.22
N GLY A 48 -14.41 -4.34 8.79
CA GLY A 48 -14.20 -3.04 8.21
C GLY A 48 -13.72 -2.01 9.24
N ILE A 49 -13.32 -0.84 8.72
CA ILE A 49 -12.75 0.22 9.53
C ILE A 49 -13.73 0.60 10.64
N ALA A 50 -15.00 0.78 10.27
CA ALA A 50 -16.01 1.16 11.22
C ALA A 50 -16.26 0.07 12.25
N ASP A 51 -16.32 -1.19 11.80
CA ASP A 51 -16.48 -2.39 12.68
C ASP A 51 -15.43 -2.39 13.79
N LEU A 52 -14.21 -2.04 13.43
CA LEU A 52 -13.08 -2.03 14.38
C LEU A 52 -13.15 -0.79 15.28
N ALA A 53 -13.47 0.35 14.68
CA ALA A 53 -13.55 1.61 15.40
C ALA A 53 -14.59 1.52 16.52
N GLN A 54 -15.70 0.86 16.21
CA GLN A 54 -16.78 0.70 17.18
C GLN A 54 -16.44 -0.30 18.29
N LYS A 55 -15.34 -1.04 18.14
CA LYS A 55 -14.80 -1.87 19.25
C LYS A 55 -13.51 -1.30 19.81
N GLY A 56 -13.20 -0.04 19.48
CA GLY A 56 -12.01 0.59 20.05
C GLY A 56 -10.67 0.13 19.50
N VAL A 57 -10.63 -0.36 18.24
CA VAL A 57 -9.34 -0.74 17.65
C VAL A 57 -9.30 -0.25 16.21
N GLY A 58 -8.15 -0.38 15.54
CA GLY A 58 -8.04 0.11 14.17
C GLY A 58 -6.98 -0.64 13.42
N TRP A 59 -7.07 -0.64 12.09
CA TRP A 59 -6.05 -1.31 11.24
C TRP A 59 -4.89 -0.42 10.96
N MSE A 60 -3.68 -0.99 10.95
N MSE A 60 -3.69 -1.03 10.88
CA MSE A 60 -2.56 -0.28 10.39
CA MSE A 60 -2.50 -0.31 10.43
C MSE A 60 -1.93 -1.10 9.27
C MSE A 60 -1.81 -1.08 9.31
O MSE A 60 -1.70 -2.29 9.42
O MSE A 60 -1.42 -2.23 9.50
CB MSE A 60 -1.49 0.00 11.44
CB MSE A 60 -1.54 -0.18 11.60
CG MSE A 60 -0.20 0.45 10.83
CG MSE A 60 -2.20 0.43 12.82
SE MSE A 60 0.86 1.64 11.93
SE MSE A 60 -2.16 2.35 12.68
CE MSE A 60 2.53 1.48 10.95
CE MSE A 60 -0.31 2.53 13.25
N LEU A 61 -1.64 -0.44 8.14
CA LEU A 61 -0.89 -1.05 7.06
C LEU A 61 0.63 -1.05 7.39
N MSE A 62 1.23 -2.23 7.38
N MSE A 62 1.23 -2.23 7.38
CA MSE A 62 2.62 -2.39 7.77
CA MSE A 62 2.62 -2.37 7.77
C MSE A 62 3.50 -2.60 6.54
C MSE A 62 3.53 -2.66 6.58
O MSE A 62 4.55 -1.97 6.40
O MSE A 62 4.64 -2.13 6.51
CB MSE A 62 2.76 -3.55 8.77
CB MSE A 62 2.73 -3.48 8.83
CG MSE A 62 4.11 -3.57 9.47
CG MSE A 62 2.00 -3.15 10.11
SE MSE A 62 4.32 -4.91 10.66
SE MSE A 62 2.57 -1.63 10.94
CE MSE A 62 6.10 -4.80 10.96
CE MSE A 62 4.29 -2.03 11.24
N ARG A 63 3.06 -3.49 5.65
CA ARG A 63 3.88 -3.88 4.48
C ARG A 63 2.98 -3.86 3.28
N PHE A 64 3.48 -3.37 2.15
CA PHE A 64 2.73 -3.40 0.92
C PHE A 64 3.71 -3.52 -0.24
N CYS A 65 3.53 -4.51 -1.08
CA CYS A 65 4.45 -4.69 -2.22
C CYS A 65 3.60 -4.91 -3.46
N LEU A 66 3.76 -4.02 -4.42
CA LEU A 66 2.93 -3.98 -5.64
C LEU A 66 3.88 -4.31 -6.79
N ARG A 67 3.51 -5.30 -7.60
CA ARG A 67 4.26 -5.61 -8.83
C ARG A 67 3.39 -5.29 -10.03
N ILE A 68 3.91 -4.47 -10.94
CA ILE A 68 3.18 -4.15 -12.14
C ILE A 68 3.80 -4.88 -13.35
N HIS A 69 3.15 -5.97 -13.75
CA HIS A 69 3.57 -6.76 -14.90
C HIS A 69 3.34 -6.02 -16.18
N GLN A 70 2.28 -5.22 -16.25
CA GLN A 70 1.95 -4.53 -17.50
C GLN A 70 0.97 -3.43 -17.11
N TYR A 71 1.27 -2.20 -17.52
CA TYR A 71 0.43 -1.11 -17.16
C TYR A 71 -0.81 -1.07 -18.02
N PRO A 72 -2.02 -1.06 -17.41
CA PRO A 72 -3.16 -0.71 -18.24
C PRO A 72 -3.18 0.77 -18.63
N ARG A 73 -4.01 1.09 -19.63
CA ARG A 73 -4.07 2.45 -20.22
C ARG A 73 -5.48 3.00 -20.30
N TYR A 74 -5.58 4.29 -20.63
CA TYR A 74 -6.86 4.99 -20.68
C TYR A 74 -8.02 4.20 -21.27
N GLY A 75 -9.13 4.16 -20.54
CA GLY A 75 -10.35 3.47 -20.97
C GLY A 75 -10.32 1.95 -20.96
N ASP A 76 -9.15 1.33 -20.70
CA ASP A 76 -9.08 -0.10 -20.41
C ASP A 76 -10.00 -0.36 -19.24
N THR A 77 -10.58 -1.55 -19.21
CA THR A 77 -11.36 -2.00 -18.08
C THR A 77 -10.53 -3.04 -17.34
N ILE A 78 -10.42 -2.88 -16.02
CA ILE A 78 -9.64 -3.78 -15.24
C ILE A 78 -10.48 -4.47 -14.19
N GLN A 79 -10.04 -5.67 -13.77
CA GLN A 79 -10.81 -6.39 -12.74
C GLN A 79 -9.93 -6.50 -11.53
N LEU A 80 -10.34 -5.89 -10.41
CA LEU A 80 -9.50 -5.89 -9.24
C LEU A 80 -10.07 -6.90 -8.23
N MSE A 81 -9.26 -7.88 -7.80
CA MSE A 81 -9.73 -8.85 -6.82
C MSE A 81 -8.90 -8.81 -5.59
O MSE A 81 -7.70 -8.62 -5.66
CB MSE A 81 -9.73 -10.28 -7.40
CG MSE A 81 -10.82 -10.36 -8.43
SE MSE A 81 -10.81 -11.96 -9.52
CE MSE A 81 -9.00 -11.97 -10.04
N THR A 82 -9.52 -8.99 -4.43
CA THR A 82 -8.73 -8.98 -3.24
C THR A 82 -9.40 -9.84 -2.18
N TYR A 83 -8.59 -10.37 -1.28
CA TYR A 83 -9.08 -11.26 -0.18
C TYR A 83 -7.94 -11.51 0.78
N PRO A 84 -8.28 -11.85 2.03
CA PRO A 84 -7.24 -12.34 2.94
C PRO A 84 -6.74 -13.69 2.44
N THR A 85 -5.46 -14.01 2.71
CA THR A 85 -4.96 -15.35 2.43
C THR A 85 -4.73 -16.11 3.73
N THR A 86 -4.13 -15.45 4.72
CA THR A 86 -3.92 -16.07 6.04
C THR A 86 -4.09 -15.07 7.16
N VAL A 87 -4.38 -15.61 8.34
CA VAL A 87 -4.55 -14.81 9.52
C VAL A 87 -3.74 -15.50 10.62
N ASP A 88 -2.85 -14.74 11.29
CA ASP A 88 -2.03 -15.28 12.37
C ASP A 88 -2.21 -14.42 13.61
N LYS A 89 -1.32 -14.55 14.59
CA LYS A 89 -1.62 -13.98 15.89
C LYS A 89 -1.80 -12.48 15.83
N TYR A 90 -0.89 -11.84 15.11
CA TYR A 90 -0.86 -10.40 15.04
C TYR A 90 -1.28 -9.82 13.68
N PHE A 91 -1.20 -10.62 12.62
CA PHE A 91 -1.31 -10.08 11.27
C PHE A 91 -2.36 -10.72 10.40
N ILE A 92 -2.92 -9.90 9.52
CA ILE A 92 -3.66 -10.41 8.40
C ILE A 92 -2.85 -10.10 7.14
N HIS A 93 -2.86 -11.07 6.24
CA HIS A 93 -2.16 -10.99 4.97
C HIS A 93 -3.20 -10.96 3.90
N ARG A 94 -3.10 -9.95 3.03
CA ARG A 94 -4.10 -9.75 2.02
C ARG A 94 -3.45 -9.68 0.64
N ASP A 95 -4.03 -10.41 -0.31
CA ASP A 95 -3.56 -10.41 -1.70
C ASP A 95 -4.46 -9.52 -2.55
N PHE A 96 -3.89 -8.96 -3.61
CA PHE A 96 -4.62 -8.27 -4.67
C PHE A 96 -4.18 -8.83 -6.03
N ARG A 97 -5.11 -9.01 -6.95
CA ARG A 97 -4.76 -9.34 -8.33
C ARG A 97 -5.59 -8.45 -9.25
N VAL A 98 -4.96 -7.98 -10.31
CA VAL A 98 -5.61 -7.09 -11.27
C VAL A 98 -5.57 -7.74 -12.66
N LEU A 99 -6.74 -7.95 -13.27
CA LEU A 99 -6.77 -8.69 -14.52
C LEU A 99 -7.22 -7.76 -15.63
N ALA A 100 -6.62 -7.94 -16.80
CA ALA A 100 -7.05 -7.27 -18.02
C ALA A 100 -8.27 -8.01 -18.54
N THR A 101 -8.99 -7.41 -19.50
CA THR A 101 -10.10 -8.07 -20.19
C THR A 101 -9.58 -9.36 -20.82
N ASP A 102 -8.37 -9.23 -21.37
CA ASP A 102 -7.48 -10.30 -21.84
C ASP A 102 -7.39 -11.56 -20.98
N GLY A 103 -7.57 -11.39 -19.68
CA GLY A 103 -7.12 -12.38 -18.72
C GLY A 103 -5.67 -12.16 -18.22
N THR A 104 -4.90 -11.27 -18.85
CA THR A 104 -3.50 -11.03 -18.41
C THR A 104 -3.51 -10.58 -16.93
N LEU A 105 -2.62 -11.12 -16.11
CA LEU A 105 -2.33 -10.53 -14.81
C LEU A 105 -1.54 -9.22 -15.03
N LEU A 106 -2.24 -8.09 -14.92
CA LEU A 106 -1.62 -6.79 -15.09
C LEU A 106 -0.74 -6.45 -13.89
N ALA A 107 -1.23 -6.79 -12.69
CA ALA A 107 -0.54 -6.40 -11.46
C ALA A 107 -0.97 -7.29 -10.34
N ASP A 108 -0.09 -7.39 -9.35
CA ASP A 108 -0.48 -8.00 -8.09
C ASP A 108 0.12 -7.25 -6.91
N ALA A 109 -0.45 -7.46 -5.73
CA ALA A 109 0.05 -6.84 -4.51
C ALA A 109 -0.14 -7.80 -3.36
N ARG A 110 0.79 -7.73 -2.41
CA ARG A 110 0.71 -8.43 -1.15
C ARG A 110 0.78 -7.37 -0.05
N SER A 111 0.17 -7.66 1.06
CA SER A 111 0.11 -6.67 2.09
C SER A 111 -0.01 -7.33 3.46
N THR A 112 0.50 -6.64 4.47
CA THR A 112 0.41 -7.16 5.84
C THR A 112 -0.16 -6.07 6.76
N TRP A 113 -1.16 -6.42 7.56
CA TRP A 113 -1.91 -5.47 8.35
C TRP A 113 -1.91 -5.92 9.78
N LEU A 114 -1.81 -4.98 10.72
CA LEU A 114 -1.95 -5.27 12.14
C LEU A 114 -3.07 -4.46 12.77
N VAL A 115 -3.42 -4.84 14.00
CA VAL A 115 -4.45 -4.18 14.76
C VAL A 115 -3.81 -3.40 15.89
N PHE A 116 -4.19 -2.13 15.99
CA PHE A 116 -3.70 -1.14 16.98
C PHE A 116 -4.81 -1.00 18.00
N SER A 117 -4.47 -1.03 19.28
CA SER A 117 -5.44 -0.75 20.32
C SER A 117 -5.55 0.76 20.53
N MSE A 118 -6.78 1.27 20.52
CA MSE A 118 -7.01 2.68 20.87
C MSE A 118 -6.91 2.98 22.38
O MSE A 118 -6.80 4.14 22.79
CB MSE A 118 -8.38 3.17 20.36
CG MSE A 118 -8.54 3.13 18.84
SE MSE A 118 -10.38 3.74 18.42
CE MSE A 118 -10.23 3.59 16.49
N GLU A 119 -6.95 1.94 23.22
CA GLU A 119 -6.76 2.10 24.66
C GLU A 119 -5.28 2.21 24.97
N LYS A 120 -4.53 1.28 24.40
CA LYS A 120 -3.12 1.01 24.68
C LYS A 120 -2.20 1.85 23.80
N ARG A 121 -2.72 2.34 22.68
CA ARG A 121 -1.92 3.07 21.68
C ARG A 121 -0.70 2.20 21.26
N SER A 122 -0.98 0.96 20.88
CA SER A 122 0.04 -0.04 20.51
C SER A 122 -0.59 -1.27 19.86
N MSE A 123 0.20 -2.01 19.11
CA MSE A 123 -0.25 -3.23 18.43
C MSE A 123 -0.72 -4.26 19.42
O MSE A 123 -0.07 -4.46 20.47
CB MSE A 123 0.90 -3.77 17.59
CG MSE A 123 0.70 -5.18 17.08
SE MSE A 123 2.41 -5.74 16.33
CE MSE A 123 1.83 -7.36 15.57
N VAL A 124 -1.82 -4.94 19.12
CA VAL A 124 -2.35 -6.02 19.98
C VAL A 124 -2.61 -7.30 19.20
N PRO A 125 -2.70 -8.46 19.88
CA PRO A 125 -3.12 -9.66 19.14
C PRO A 125 -4.44 -9.36 18.42
N LEU A 126 -4.63 -9.89 17.20
CA LEU A 126 -5.91 -9.72 16.53
C LEU A 126 -7.02 -10.22 17.43
N PRO A 127 -8.07 -9.42 17.64
CA PRO A 127 -9.20 -9.93 18.45
C PRO A 127 -9.79 -11.20 17.86
N ASP A 128 -10.38 -12.03 18.69
CA ASP A 128 -11.07 -13.26 18.25
C ASP A 128 -11.94 -13.13 16.97
N PHE A 129 -12.73 -12.06 16.88
CA PHE A 129 -13.67 -11.87 15.76
C PHE A 129 -12.97 -11.61 14.43
N ILE A 130 -11.66 -11.40 14.49
CA ILE A 130 -10.79 -11.29 13.31
C ILE A 130 -10.02 -12.59 13.12
N ARG A 131 -9.48 -13.18 14.20
CA ARG A 131 -8.80 -14.48 14.11
C ARG A 131 -9.66 -15.51 13.44
N GLN A 132 -10.95 -15.46 13.70
CA GLN A 132 -11.87 -16.52 13.30
C GLN A 132 -12.20 -16.51 11.82
N LEU A 133 -11.86 -15.44 11.12
CA LEU A 133 -12.35 -15.34 9.76
C LEU A 133 -11.73 -16.41 8.87
N SER A 134 -12.50 -16.88 7.89
CA SER A 134 -12.00 -17.86 6.91
C SER A 134 -11.57 -17.17 5.64
N PRO A 135 -10.28 -17.24 5.29
CA PRO A 135 -9.92 -16.75 3.95
C PRO A 135 -10.63 -17.60 2.89
N PRO A 136 -10.85 -17.03 1.69
CA PRO A 136 -11.52 -17.85 0.68
C PRO A 136 -10.68 -19.02 0.14
N ALA A 137 -11.35 -20.15 -0.02
CA ALA A 137 -10.81 -21.30 -0.68
C ALA A 137 -10.61 -21.06 -2.21
N ASN A 138 -9.81 -21.88 -2.85
CA ASN A 138 -9.79 -21.89 -4.33
C ASN A 138 -9.10 -20.68 -5.01
N VAL A 139 -8.39 -19.87 -4.21
CA VAL A 139 -7.50 -18.83 -4.74
C VAL A 139 -6.06 -19.26 -4.55
N ASP A 140 -5.19 -18.76 -5.40
CA ASP A 140 -3.81 -19.19 -5.39
C ASP A 140 -3.04 -18.04 -4.72
N PRO A 141 -2.58 -18.23 -3.46
CA PRO A 141 -1.91 -17.14 -2.72
C PRO A 141 -0.58 -16.73 -3.36
N LEU A 142 -0.30 -15.44 -3.39
CA LEU A 142 0.94 -14.93 -3.95
C LEU A 142 2.07 -15.36 -3.01
N PRO A 143 3.35 -15.21 -3.44
CA PRO A 143 4.46 -15.64 -2.55
C PRO A 143 4.53 -14.80 -1.26
N ALA A 144 5.08 -15.38 -0.18
CA ALA A 144 5.19 -14.69 1.12
C ALA A 144 5.89 -13.34 1.00
N LEU A 145 5.44 -12.37 1.81
CA LEU A 145 6.04 -11.04 1.86
C LEU A 145 6.92 -10.86 3.11
N PRO A 146 8.25 -10.77 2.94
CA PRO A 146 9.09 -10.69 4.16
C PRO A 146 8.69 -9.51 5.05
N LEU A 147 8.48 -9.79 6.34
CA LEU A 147 8.10 -8.77 7.34
C LEU A 147 9.11 -7.64 7.46
N LYS A 148 10.38 -8.01 7.50
CA LYS A 148 11.46 -7.05 7.71
C LYS A 148 12.48 -7.21 6.59
N PRO A 149 12.32 -6.47 5.48
CA PRO A 149 13.30 -6.59 4.41
C PRO A 149 14.62 -5.90 4.75
N ASP A 150 15.69 -6.35 4.09
CA ASP A 150 17.05 -5.88 4.37
C ASP A 150 17.25 -4.40 4.14
N PHE A 151 16.64 -3.87 3.08
CA PHE A 151 16.64 -2.42 2.89
C PHE A 151 16.07 -1.61 4.06
N GLN A 152 15.32 -2.23 4.97
CA GLN A 152 14.89 -1.50 6.17
C GLN A 152 16.08 -0.78 6.82
N THR A 153 17.23 -1.47 6.89
CA THR A 153 18.43 -0.97 7.58
C THR A 153 19.34 -0.05 6.78
N ALA A 154 19.05 0.18 5.51
CA ALA A 154 19.94 0.95 4.63
C ALA A 154 20.19 2.37 5.18
N SER A 155 21.36 2.93 4.90
CA SER A 155 21.68 4.26 5.40
C SER A 155 21.33 5.29 4.35
N PHE A 156 20.76 6.40 4.79
CA PHE A 156 20.51 7.54 3.91
C PHE A 156 21.36 8.72 4.35
N ALA A 157 22.35 8.44 5.20
CA ALA A 157 23.25 9.48 5.78
C ALA A 157 23.68 10.63 4.86
N THR A 158 24.00 10.32 3.60
CA THR A 158 24.43 11.36 2.65
C THR A 158 23.36 11.78 1.61
N ALA A 159 22.22 11.10 1.58
CA ALA A 159 21.17 11.44 0.62
C ALA A 159 20.54 12.82 0.97
N ALA A 160 20.43 13.71 0.00
CA ALA A 160 19.86 15.04 0.24
C ALA A 160 18.38 14.89 0.64
N SER A 161 17.91 15.74 1.56
CA SER A 161 16.50 15.69 1.98
C SER A 161 15.68 16.75 1.31
N LYS A 162 14.47 16.36 0.89
CA LYS A 162 13.50 17.29 0.36
C LYS A 162 12.36 17.36 1.37
N SER A 163 11.91 18.57 1.62
CA SER A 163 10.95 18.83 2.66
C SER A 163 9.55 18.80 2.08
N VAL A 164 8.61 18.09 2.71
CA VAL A 164 7.19 18.19 2.30
C VAL A 164 6.28 18.31 3.54
N GLN A 165 5.10 18.90 3.35
CA GLN A 165 4.17 19.05 4.51
C GLN A 165 2.89 18.23 4.26
N VAL A 166 2.39 17.57 5.30
CA VAL A 166 1.13 16.81 5.18
C VAL A 166 0.02 17.85 5.02
N GLY A 167 -0.71 17.77 3.91
CA GLY A 167 -1.79 18.71 3.63
C GLY A 167 -3.18 18.14 3.96
N TRP A 168 -4.18 19.01 3.92
CA TRP A 168 -5.57 18.63 4.13
C TRP A 168 -6.01 17.54 3.18
N LEU A 169 -5.65 17.68 1.89
CA LEU A 169 -6.00 16.72 0.85
C LEU A 169 -5.41 15.34 1.06
N ASN A 170 -4.37 15.24 1.89
CA ASN A 170 -3.77 13.96 2.25
C ASN A 170 -4.48 13.26 3.40
N ILE A 171 -5.53 13.88 3.95
CA ILE A 171 -6.24 13.25 5.09
C ILE A 171 -7.44 12.51 4.55
N ASP A 172 -7.60 11.24 4.88
CA ASP A 172 -8.76 10.50 4.38
C ASP A 172 -10.05 10.71 5.24
N GLN A 173 -11.18 10.15 4.81
CA GLN A 173 -12.45 10.26 5.58
C GLN A 173 -12.46 9.48 6.91
N ASN A 174 -11.44 8.67 7.13
CA ASN A 174 -11.21 8.06 8.45
C ASN A 174 -10.33 8.94 9.35
N GLN A 175 -10.03 10.15 8.89
CA GLN A 175 -9.23 11.15 9.65
C GLN A 175 -7.78 10.68 9.90
N HIS A 176 -7.23 10.00 8.89
CA HIS A 176 -5.82 9.57 8.95
C HIS A 176 -5.19 10.00 7.69
N VAL A 177 -3.87 10.07 7.68
CA VAL A 177 -3.14 10.36 6.44
C VAL A 177 -3.31 9.14 5.54
N ASN A 178 -3.71 9.38 4.31
CA ASN A 178 -3.84 8.28 3.34
C ASN A 178 -2.45 7.69 3.08
N ASN A 179 -2.33 6.37 3.20
CA ASN A 179 -1.01 5.76 3.02
C ASN A 179 -0.51 5.99 1.59
N VAL A 180 -1.43 6.25 0.67
CA VAL A 180 -0.99 6.60 -0.73
C VAL A 180 -0.24 7.96 -0.76
N ALA A 181 -0.57 8.88 0.14
CA ALA A 181 0.16 10.17 0.14
C ALA A 181 1.68 9.99 0.19
N TYR A 182 2.14 9.02 0.98
CA TYR A 182 3.57 8.79 1.10
C TYR A 182 4.17 8.30 -0.22
N VAL A 183 3.41 7.52 -0.99
CA VAL A 183 3.91 7.00 -2.24
C VAL A 183 4.00 8.14 -3.24
N GLN A 184 3.05 9.08 -3.18
CA GLN A 184 3.06 10.23 -4.06
C GLN A 184 4.33 11.07 -3.82
N TRP A 185 4.62 11.36 -2.54
CA TRP A 185 5.85 12.10 -2.19
C TRP A 185 7.10 11.40 -2.65
N LEU A 186 7.14 10.09 -2.45
CA LEU A 186 8.28 9.27 -2.84
C LEU A 186 8.46 9.36 -4.36
N LEU A 187 7.35 9.26 -5.08
CA LEU A 187 7.42 9.33 -6.56
C LEU A 187 7.88 10.68 -7.08
N GLU A 188 7.38 11.74 -6.48
CA GLU A 188 7.80 13.08 -6.86
C GLU A 188 9.29 13.28 -6.65
N GLY A 189 9.86 12.57 -5.67
CA GLY A 189 11.26 12.68 -5.34
C GLY A 189 12.22 11.94 -6.26
N VAL A 190 11.71 11.14 -7.19
CA VAL A 190 12.58 10.35 -8.07
C VAL A 190 13.23 11.23 -9.12
N ASP A 191 14.51 10.97 -9.39
CA ASP A 191 15.26 11.65 -10.46
C ASP A 191 14.45 11.78 -11.74
N SER A 192 14.31 13.02 -12.20
CA SER A 192 13.67 13.31 -13.48
C SER A 192 14.10 12.38 -14.60
N GLU A 193 15.39 12.05 -14.66
CA GLU A 193 15.96 11.19 -15.73
C GLU A 193 15.35 9.81 -15.73
N ILE A 194 15.14 9.29 -14.52
CA ILE A 194 14.57 7.97 -14.35
C ILE A 194 13.10 8.00 -14.72
N VAL A 195 12.37 9.01 -14.19
CA VAL A 195 10.96 9.19 -14.50
C VAL A 195 10.74 9.27 -16.02
N GLN A 196 11.55 10.08 -16.69
CA GLN A 196 11.46 10.21 -18.14
C GLN A 196 11.83 8.95 -18.95
N THR A 197 12.55 7.98 -18.38
CA THR A 197 13.08 6.88 -19.23
C THR A 197 12.75 5.43 -18.80
N ARG A 198 12.14 5.27 -17.63
CA ARG A 198 11.87 3.95 -17.04
C ARG A 198 10.47 3.95 -16.44
N GLU A 199 9.98 2.77 -16.10
CA GLU A 199 8.70 2.60 -15.38
C GLU A 199 8.94 1.70 -14.18
N ILE A 200 8.13 1.86 -13.14
CA ILE A 200 8.28 1.00 -11.97
C ILE A 200 7.76 -0.40 -12.25
N ALA A 201 8.60 -1.39 -11.98
CA ALA A 201 8.20 -2.79 -12.09
C ALA A 201 7.62 -3.27 -10.75
N GLU A 202 8.20 -2.78 -9.67
CA GLU A 202 7.83 -3.23 -8.35
C GLU A 202 8.11 -2.12 -7.35
N ILE A 203 7.21 -1.93 -6.42
CA ILE A 203 7.47 -1.06 -5.28
C ILE A 203 7.12 -1.75 -3.96
N ASP A 204 8.11 -1.81 -3.06
CA ASP A 204 8.01 -2.58 -1.84
C ASP A 204 8.05 -1.58 -0.68
N LEU A 205 6.98 -1.55 0.14
CA LEU A 205 6.76 -0.50 1.13
C LEU A 205 6.71 -1.01 2.55
N VAL A 206 7.45 -0.29 3.42
CA VAL A 206 7.45 -0.61 4.86
C VAL A 206 7.02 0.64 5.60
N TYR A 207 5.88 0.55 6.25
CA TYR A 207 5.32 1.70 6.93
C TYR A 207 5.72 1.62 8.39
N ARG A 208 6.21 2.73 8.94
CA ARG A 208 6.65 2.76 10.35
C ARG A 208 5.74 3.72 11.14
N THR A 209 6.16 4.96 11.36
CA THR A 209 5.40 5.94 12.17
C THR A 209 4.21 6.60 11.44
N GLU A 210 3.13 6.90 12.16
CA GLU A 210 2.00 7.68 11.64
C GLU A 210 2.34 9.16 11.61
N SER A 211 1.92 9.85 10.57
CA SER A 211 2.08 11.29 10.57
C SER A 211 0.69 11.92 10.67
N HIS A 212 0.66 13.23 10.89
CA HIS A 212 -0.57 14.00 11.07
C HIS A 212 -0.60 15.18 10.16
N TRP A 213 -1.80 15.74 9.98
CA TRP A 213 -2.02 17.02 9.27
C TRP A 213 -0.98 18.03 9.72
N HIS A 214 -0.29 18.65 8.74
CA HIS A 214 0.71 19.71 8.99
C HIS A 214 2.09 19.20 9.38
N ASP A 215 2.28 17.91 9.60
CA ASP A 215 3.65 17.45 9.89
C ASP A 215 4.56 17.77 8.71
N TRP A 216 5.74 18.29 9.03
CA TRP A 216 6.86 18.36 8.08
C TRP A 216 7.60 17.05 7.96
N LEU A 217 7.79 16.60 6.72
CA LEU A 217 8.54 15.38 6.45
C LEU A 217 9.71 15.63 5.49
N SER A 218 10.69 14.76 5.56
CA SER A 218 11.85 14.77 4.70
C SER A 218 11.81 13.54 3.79
N VAL A 219 12.01 13.77 2.50
CA VAL A 219 12.00 12.72 1.52
C VAL A 219 13.44 12.57 1.02
N GLN A 220 13.93 11.33 1.06
CA GLN A 220 15.29 10.95 0.58
C GLN A 220 15.30 9.73 -0.30
N SER A 221 16.30 9.63 -1.18
CA SER A 221 16.52 8.37 -1.88
C SER A 221 17.96 8.14 -2.24
N VAL A 222 18.31 6.89 -2.47
CA VAL A 222 19.69 6.48 -2.78
C VAL A 222 19.62 5.47 -3.94
N THR A 223 20.48 5.64 -4.93
CA THR A 223 20.67 4.59 -5.92
C THR A 223 21.19 3.32 -5.21
N GLU A 224 20.50 2.20 -5.38
CA GLU A 224 20.95 0.93 -4.83
C GLU A 224 21.62 0.15 -5.96
N THR A 225 20.94 0.09 -7.10
CA THR A 225 21.45 -0.68 -8.22
C THR A 225 21.09 0.04 -9.52
N ASP A 226 21.60 -0.46 -10.65
CA ASP A 226 21.24 0.06 -11.98
C ASP A 226 19.72 0.21 -12.26
N ASN A 227 18.90 -0.65 -11.65
N ASN A 227 18.92 -0.64 -11.62
CA ASN A 227 17.44 -0.52 -11.79
CA ASN A 227 17.46 -0.62 -11.78
C ASN A 227 16.66 -0.57 -10.48
C ASN A 227 16.64 -0.47 -10.50
N SER A 228 17.29 -0.13 -9.39
CA SER A 228 16.59 -0.07 -8.09
C SER A 228 17.00 1.13 -7.24
N VAL A 229 16.04 1.66 -6.49
CA VAL A 229 16.26 2.86 -5.69
C VAL A 229 15.65 2.57 -4.33
N LEU A 230 16.28 3.09 -3.29
CA LEU A 230 15.72 3.02 -1.94
C LEU A 230 15.25 4.38 -1.58
N HIS A 231 14.20 4.43 -0.74
CA HIS A 231 13.52 5.67 -0.44
C HIS A 231 13.25 5.71 1.03
N ARG A 232 13.29 6.91 1.59
CA ARG A 232 13.01 7.10 3.00
C ARG A 232 12.19 8.37 3.17
N ILE A 233 11.11 8.26 3.95
CA ILE A 233 10.35 9.43 4.35
C ILE A 233 10.36 9.38 5.86
N SER A 234 10.68 10.52 6.47
CA SER A 234 10.79 10.58 7.91
C SER A 234 10.29 11.93 8.36
N GLN A 235 9.99 12.01 9.65
CA GLN A 235 9.53 13.23 10.29
C GLN A 235 10.73 14.16 10.38
N THR A 236 10.64 15.38 9.87
CA THR A 236 11.84 16.22 9.87
C THR A 236 12.31 16.50 11.32
N GLU A 237 11.38 16.80 12.23
CA GLU A 237 11.76 17.13 13.63
C GLU A 237 12.37 15.98 14.43
N SER A 238 11.55 14.96 14.73
CA SER A 238 11.94 13.84 15.58
C SER A 238 12.94 12.98 14.87
N GLY A 239 12.95 13.04 13.53
CA GLY A 239 13.75 12.14 12.74
C GLY A 239 13.21 10.71 12.68
N LYS A 240 12.02 10.44 13.24
CA LYS A 240 11.44 9.09 13.16
C LYS A 240 11.07 8.71 11.71
N ASP A 241 11.38 7.47 11.33
CA ASP A 241 10.96 6.97 10.03
C ASP A 241 9.43 6.87 9.91
N VAL A 242 8.92 7.23 8.74
CA VAL A 242 7.50 7.04 8.42
C VAL A 242 7.38 5.98 7.31
N LEU A 243 8.21 6.06 6.27
CA LEU A 243 8.18 5.05 5.23
C LEU A 243 9.57 4.69 4.74
N LEU A 244 9.82 3.39 4.57
CA LEU A 244 11.02 2.95 3.89
C LEU A 244 10.57 2.15 2.68
N ALA A 245 11.28 2.25 1.55
CA ALA A 245 10.84 1.56 0.32
C ALA A 245 11.95 1.23 -0.64
N ARG A 246 11.71 0.17 -1.42
CA ARG A 246 12.50 -0.09 -2.62
C ARG A 246 11.68 -0.01 -3.91
N SER A 247 12.13 0.77 -4.90
CA SER A 247 11.55 0.69 -6.23
C SER A 247 12.48 -0.01 -7.23
N ARG A 248 11.90 -0.89 -8.04
CA ARG A 248 12.64 -1.53 -9.13
C ARG A 248 12.03 -0.98 -10.42
N TRP A 249 12.90 -0.66 -11.37
CA TRP A 249 12.52 0.02 -12.59
C TRP A 249 12.83 -0.83 -13.78
N ARG A 250 12.09 -0.66 -14.87
CA ARG A 250 12.50 -1.33 -16.12
C ARG A 250 12.31 -0.36 -17.26
C1 GOL B . -17.47 4.21 -11.25
O1 GOL B . -18.63 3.63 -10.67
C2 GOL B . -16.74 3.06 -11.87
O2 GOL B . -15.87 2.63 -10.83
C3 GOL B . -15.94 3.55 -13.03
O3 GOL B . -14.85 2.65 -13.26
C1 GOL C . -9.03 -2.70 4.51
O1 GOL C . -8.96 -1.78 5.60
C2 GOL C . -8.90 -3.89 5.46
O2 GOL C . -7.78 -3.57 6.30
C3 GOL C . -8.60 -5.23 4.84
O3 GOL C . -7.61 -5.71 5.84
CL CL D . 15.96 -6.84 0.92
#